data_5JW9
#
_entry.id   5JW9
#
_cell.length_a   52.641
_cell.length_b   57.422
_cell.length_c   61.338
_cell.angle_alpha   90.000
_cell.angle_beta   90.000
_cell.angle_gamma   90.000
#
_symmetry.space_group_name_H-M   'P 21 21 21'
#
loop_
_entity.id
_entity.type
_entity.pdbx_description
1 polymer 'AF4/FMR2 family member 4'
2 polymer 'RNA polymerase II elongation factor ELL2'
3 water water
#
loop_
_entity_poly.entity_id
_entity_poly.type
_entity_poly.pdbx_seq_one_letter_code
_entity_poly.pdbx_strand_id
1 'polypeptide(L)' GA(MSE)GSPSQPLDASASGDVSCVDEILKE(MSE)THSWPPPLTAIHTPCKTEPSKFPFPTKEGSGSGSGS A
2 'polypeptide(L)'
;EPSAIELPDYLIKYIAIVSYEQRQNYKDDFNAEYDEYRALHAR(MSE)ETVARRFIKLDAQRKRLSPGSKEYQNVHEEVL
QEYQKIKQSSPNYHEEKYRCEYLHNKLAHIKR(MSE)IGEFDQQQAESWS
;
B
#
# COMPACT_ATOMS: atom_id res chain seq x y z
N SER A 19 -25.06 10.20 2.70
CA SER A 19 -24.35 11.01 3.69
C SER A 19 -23.33 10.14 4.43
N CYS A 20 -23.83 9.23 5.26
CA CYS A 20 -22.95 8.25 5.89
C CYS A 20 -22.26 7.38 4.84
N VAL A 21 -23.02 6.96 3.82
CA VAL A 21 -22.44 6.19 2.72
C VAL A 21 -21.39 7.02 1.98
N ASP A 22 -21.64 8.32 1.83
CA ASP A 22 -20.65 9.19 1.20
C ASP A 22 -19.33 9.17 1.97
N GLU A 23 -19.40 9.32 3.28
CA GLU A 23 -18.18 9.29 4.10
C GLU A 23 -17.51 7.93 4.01
N ILE A 24 -18.28 6.85 4.08
CA ILE A 24 -17.72 5.50 3.94
C ILE A 24 -16.92 5.42 2.65
N LEU A 25 -17.54 5.77 1.52
CA LEU A 25 -16.87 5.63 0.24
C LEU A 25 -15.66 6.56 0.15
N LYS A 26 -15.72 7.74 0.75
CA LYS A 26 -14.55 8.60 0.77
C LYS A 26 -13.38 7.93 1.48
N GLU A 27 -13.67 7.18 2.54
CA GLU A 27 -12.61 6.55 3.31
C GLU A 27 -12.08 5.29 2.63
N MSE A 28 -12.91 4.58 1.89
CA MSE A 28 -12.55 3.23 1.43
C MSE A 28 -12.11 3.17 -0.03
O MSE A 28 -11.66 2.12 -0.49
CB MSE A 28 -13.73 2.29 1.65
CG MSE A 28 -14.24 2.24 3.08
SE MSE A 28 -12.91 1.58 4.36
CE MSE A 28 -12.67 -0.22 3.66
H MSE A 28 -13.68 4.84 1.63
HA MSE A 28 -11.82 2.92 1.98
HB2 MSE A 28 -14.47 2.57 1.08
HB3 MSE A 28 -13.46 1.39 1.39
HG2 MSE A 28 -14.50 3.12 3.36
HG3 MSE A 28 -15.01 1.63 3.12
HE1 MSE A 28 -12.01 -0.69 4.22
HE2 MSE A 28 -13.52 -0.69 3.70
HE3 MSE A 28 -12.35 -0.17 2.75
N THR A 29 -12.24 4.28 -0.77
CA THR A 29 -11.96 4.27 -2.20
C THR A 29 -10.61 4.89 -2.55
N HIS A 30 -9.72 5.07 -1.59
CA HIS A 30 -8.43 5.67 -1.89
C HIS A 30 -7.58 4.71 -2.71
N SER A 31 -6.85 5.27 -3.68
CA SER A 31 -6.08 4.46 -4.61
C SER A 31 -4.75 4.04 -3.97
N TRP A 32 -4.58 2.73 -3.80
CA TRP A 32 -3.31 2.22 -3.29
C TRP A 32 -2.29 2.14 -4.44
N PRO A 33 -1.02 2.42 -4.17
CA PRO A 33 0.01 2.21 -5.19
C PRO A 33 0.13 0.73 -5.49
N PRO A 34 0.68 0.37 -6.64
CA PRO A 34 0.94 -1.05 -6.92
C PRO A 34 1.92 -1.62 -5.91
N PRO A 35 1.98 -2.94 -5.76
CA PRO A 35 2.93 -3.52 -4.81
C PRO A 35 4.36 -3.41 -5.30
N LEU A 36 5.26 -3.07 -4.38
CA LEU A 36 6.69 -3.09 -4.69
C LEU A 36 7.07 -4.45 -5.25
N THR A 37 8.00 -4.44 -6.20
CA THR A 37 8.58 -5.68 -6.72
C THR A 37 9.78 -6.08 -5.87
N ALA A 38 10.21 -7.32 -6.03
CA ALA A 38 11.43 -7.76 -5.37
C ALA A 38 12.63 -6.96 -5.90
N ILE A 39 13.72 -7.00 -5.14
CA ILE A 39 14.91 -6.22 -5.45
C ILE A 39 15.73 -7.03 -6.45
N HIS A 40 15.65 -6.64 -7.72
CA HIS A 40 16.51 -7.23 -8.73
C HIS A 40 17.91 -6.65 -8.63
N THR A 41 18.85 -7.28 -9.32
CA THR A 41 20.23 -6.84 -9.34
C THR A 41 20.66 -6.62 -10.78
N PRO A 42 20.90 -5.35 -11.17
CA PRO A 42 20.68 -4.12 -10.40
C PRO A 42 19.19 -3.81 -10.26
N CYS A 43 18.85 -2.77 -9.50
CA CYS A 43 17.45 -2.42 -9.31
CA CYS A 43 17.45 -2.42 -9.31
C CYS A 43 16.78 -2.11 -10.63
N LYS A 44 15.68 -2.81 -10.91
CA LYS A 44 14.97 -2.68 -12.18
C LYS A 44 13.90 -1.59 -12.15
N THR A 45 13.22 -1.40 -11.01
CA THR A 45 12.13 -0.44 -10.90
C THR A 45 12.47 0.59 -9.84
N GLU A 46 12.25 1.87 -10.16
CA GLU A 46 12.56 2.96 -9.25
C GLU A 46 11.44 3.09 -8.22
N PRO A 47 11.73 2.99 -6.93
CA PRO A 47 10.67 3.16 -5.91
C PRO A 47 10.46 4.63 -5.58
N SER A 48 9.43 4.86 -4.77
CA SER A 48 9.08 6.22 -4.36
C SER A 48 8.25 6.14 -3.09
N LYS A 49 8.36 7.16 -2.25
CA LYS A 49 7.50 7.26 -1.09
C LYS A 49 6.11 7.66 -1.53
N PHE A 50 5.10 7.05 -0.90
CA PHE A 50 3.74 7.34 -1.30
C PHE A 50 3.07 8.22 -0.27
N PRO A 51 2.35 9.27 -0.70
CA PRO A 51 1.62 10.12 0.26
C PRO A 51 0.28 9.51 0.67
N PHE A 52 0.27 8.64 1.67
CA PHE A 52 -0.98 8.03 2.09
C PHE A 52 -1.86 9.06 2.79
N PRO A 53 -3.17 9.02 2.59
CA PRO A 53 -4.03 10.06 3.15
C PRO A 53 -4.13 9.98 4.67
N THR A 54 -4.32 11.15 5.28
CA THR A 54 -4.45 11.25 6.73
C THR A 54 -5.35 12.42 7.11
N LEU B 7 9.05 11.02 12.65
CA LEU B 7 10.10 10.54 11.75
C LEU B 7 10.24 9.02 11.84
N PRO B 8 9.91 8.32 10.77
CA PRO B 8 9.96 6.84 10.84
C PRO B 8 11.36 6.32 11.11
N ASP B 9 11.41 5.23 11.89
CA ASP B 9 12.69 4.68 12.32
C ASP B 9 13.53 4.21 11.14
N TYR B 10 12.90 3.67 10.09
CA TYR B 10 13.69 3.13 8.98
C TYR B 10 14.45 4.22 8.23
N LEU B 11 14.02 5.49 8.33
CA LEU B 11 14.78 6.56 7.72
C LEU B 11 16.05 6.86 8.50
N ILE B 12 16.05 6.56 9.80
CA ILE B 12 17.26 6.72 10.59
C ILE B 12 18.17 5.52 10.43
N LYS B 13 17.59 4.32 10.35
CA LYS B 13 18.40 3.10 10.30
C LYS B 13 19.03 2.91 8.93
N TYR B 14 18.23 2.99 7.86
CA TYR B 14 18.69 2.62 6.52
C TYR B 14 19.20 3.86 5.80
N ILE B 15 20.50 4.11 5.94
CA ILE B 15 21.13 5.28 5.33
C ILE B 15 21.81 4.87 4.03
N ALA B 16 22.47 5.82 3.38
CA ALA B 16 23.11 5.56 2.10
C ALA B 16 24.10 4.40 2.23
N ILE B 17 24.10 3.54 1.22
CA ILE B 17 24.93 2.34 1.21
C ILE B 17 26.34 2.71 0.78
N VAL B 18 27.34 2.14 1.46
CA VAL B 18 28.74 2.38 1.14
C VAL B 18 29.48 1.12 0.69
N SER B 19 28.80 -0.03 0.61
CA SER B 19 29.49 -1.26 0.27
C SER B 19 28.47 -2.29 -0.18
N TYR B 20 28.95 -3.27 -0.95
CA TYR B 20 28.07 -4.34 -1.42
C TYR B 20 27.56 -5.20 -0.27
N GLU B 21 28.34 -5.37 0.79
CA GLU B 21 27.84 -6.11 1.95
C GLU B 21 26.63 -5.42 2.56
N GLN B 22 26.67 -4.09 2.62
CA GLN B 22 25.52 -3.34 3.10
C GLN B 22 24.32 -3.52 2.18
N ARG B 23 24.54 -3.48 0.86
CA ARG B 23 23.46 -3.75 -0.07
C ARG B 23 22.85 -5.10 0.21
N GLN B 24 23.69 -6.11 0.45
CA GLN B 24 23.18 -7.45 0.73
C GLN B 24 22.33 -7.46 1.99
N ASN B 25 22.80 -6.80 3.06
CA ASN B 25 22.04 -6.75 4.30
C ASN B 25 20.70 -6.05 4.10
N TYR B 26 20.70 -4.92 3.39
CA TYR B 26 19.46 -4.20 3.12
C TYR B 26 18.48 -5.08 2.36
N LYS B 27 18.96 -5.74 1.31
CA LYS B 27 18.12 -6.62 0.52
C LYS B 27 17.54 -7.75 1.37
N ASP B 28 18.35 -8.33 2.26
CA ASP B 28 17.87 -9.39 3.12
C ASP B 28 16.78 -8.87 4.06
N ASP B 29 16.96 -7.66 4.59
CA ASP B 29 15.94 -7.08 5.48
C ASP B 29 14.63 -6.85 4.72
N PHE B 30 14.71 -6.26 3.52
CA PHE B 30 13.56 -6.12 2.65
C PHE B 30 12.85 -7.47 2.48
N ASN B 31 13.60 -8.50 2.09
CA ASN B 31 13.00 -9.80 1.85
C ASN B 31 12.35 -10.37 3.11
N ALA B 32 12.89 -10.05 4.29
CA ALA B 32 12.37 -10.62 5.53
C ALA B 32 10.95 -10.17 5.85
N GLU B 33 10.52 -9.03 5.32
CA GLU B 33 9.17 -8.53 5.53
C GLU B 33 8.36 -8.48 4.24
N TYR B 34 8.94 -8.89 3.11
CA TYR B 34 8.24 -8.80 1.84
C TYR B 34 6.96 -9.64 1.84
N ASP B 35 7.00 -10.84 2.43
CA ASP B 35 5.83 -11.73 2.40
C ASP B 35 4.64 -11.09 3.12
N GLU B 36 4.85 -10.66 4.36
CA GLU B 36 3.80 -9.97 5.10
C GLU B 36 3.29 -8.77 4.31
N TYR B 37 4.23 -7.97 3.77
CA TYR B 37 3.84 -6.80 3.00
C TYR B 37 2.91 -7.17 1.85
N ARG B 38 3.28 -8.18 1.05
CA ARG B 38 2.46 -8.52 -0.11
C ARG B 38 1.10 -9.04 0.31
N ALA B 39 1.04 -9.84 1.38
CA ALA B 39 -0.26 -10.33 1.84
C ALA B 39 -1.15 -9.17 2.26
N LEU B 40 -0.63 -8.27 3.11
CA LEU B 40 -1.42 -7.12 3.55
C LEU B 40 -1.84 -6.26 2.37
N HIS B 41 -0.91 -5.97 1.47
CA HIS B 41 -1.23 -5.15 0.32
C HIS B 41 -2.34 -5.76 -0.51
N ALA B 42 -2.26 -7.07 -0.76
CA ALA B 42 -3.33 -7.75 -1.48
C ALA B 42 -4.67 -7.61 -0.76
N ARG B 43 -4.68 -7.76 0.57
CA ARG B 43 -5.94 -7.59 1.29
C ARG B 43 -6.46 -6.17 1.14
N MSE B 44 -5.58 -5.19 1.20
CA MSE B 44 -5.98 -3.78 1.10
C MSE B 44 -6.59 -3.49 -0.27
O MSE B 44 -7.60 -2.79 -0.37
CB MSE B 44 -4.77 -2.86 1.34
CG MSE B 44 -4.24 -2.88 2.76
SE MSE B 44 -5.58 -2.39 4.12
CE MSE B 44 -6.27 -4.16 4.55
H MSE B 44 -4.73 -5.30 1.31
HA MSE B 44 -6.63 -3.59 1.78
HB2 MSE B 44 -4.05 -3.13 0.75
HB3 MSE B 44 -5.03 -1.95 1.14
HG2 MSE B 44 -3.91 -3.77 2.96
HG3 MSE B 44 -3.51 -2.24 2.83
HE1 MSE B 44 -6.95 -4.07 5.23
HE2 MSE B 44 -6.65 -4.57 3.75
HE3 MSE B 44 -5.55 -4.71 4.89
N GLU B 45 -5.96 -4.02 -1.32
CA GLU B 45 -6.52 -3.82 -2.66
C GLU B 45 -7.85 -4.53 -2.82
N THR B 46 -7.96 -5.74 -2.27
CA THR B 46 -9.22 -6.47 -2.40
C THR B 46 -10.34 -5.76 -1.66
N VAL B 47 -10.06 -5.27 -0.45
CA VAL B 47 -11.06 -4.53 0.32
C VAL B 47 -11.44 -3.25 -0.42
N ALA B 48 -10.45 -2.50 -0.90
CA ALA B 48 -10.74 -1.26 -1.60
C ALA B 48 -11.57 -1.51 -2.85
N ARG B 49 -11.32 -2.62 -3.54
CA ARG B 49 -11.97 -2.86 -4.83
C ARG B 49 -13.49 -2.87 -4.70
N ARG B 50 -14.02 -3.55 -3.67
CA ARG B 50 -15.48 -3.59 -3.52
C ARG B 50 -16.07 -2.20 -3.40
N PHE B 51 -15.43 -1.33 -2.62
CA PHE B 51 -15.98 0.00 -2.39
C PHE B 51 -15.76 0.92 -3.58
N ILE B 52 -14.66 0.76 -4.30
CA ILE B 52 -14.48 1.52 -5.55
C ILE B 52 -15.55 1.13 -6.55
N LYS B 53 -15.82 -0.17 -6.68
CA LYS B 53 -16.88 -0.64 -7.55
C LYS B 53 -18.22 -0.04 -7.14
N LEU B 54 -18.57 -0.15 -5.86
CA LEU B 54 -19.85 0.39 -5.41
C LEU B 54 -19.94 1.89 -5.65
N ASP B 55 -18.83 2.61 -5.47
CA ASP B 55 -18.82 4.05 -5.71
C ASP B 55 -19.11 4.36 -7.18
N ALA B 56 -18.43 3.68 -8.09
CA ALA B 56 -18.66 3.91 -9.51
C ALA B 56 -20.12 3.63 -9.88
N GLN B 57 -20.63 2.48 -9.42
CA GLN B 57 -22.03 2.15 -9.66
C GLN B 57 -22.96 3.25 -9.16
N ARG B 58 -22.71 3.72 -7.94
CA ARG B 58 -23.55 4.77 -7.36
C ARG B 58 -23.50 6.03 -8.22
N LYS B 59 -22.33 6.32 -8.80
CA LYS B 59 -22.21 7.54 -9.60
C LYS B 59 -22.92 7.43 -10.94
N ARG B 60 -23.01 6.23 -11.52
CA ARG B 60 -23.65 6.11 -12.82
C ARG B 60 -25.15 5.82 -12.73
N LEU B 61 -25.70 5.59 -11.54
CA LEU B 61 -27.09 5.20 -11.41
C LEU B 61 -27.99 6.41 -11.19
N SER B 62 -29.23 6.28 -11.62
CA SER B 62 -30.24 7.28 -11.29
C SER B 62 -30.54 7.23 -9.80
N PRO B 63 -30.51 8.34 -9.08
CA PRO B 63 -30.81 8.31 -7.65
C PRO B 63 -32.25 7.91 -7.33
N GLY B 64 -33.13 7.88 -8.32
CA GLY B 64 -34.49 7.42 -8.14
C GLY B 64 -34.72 5.97 -8.46
N SER B 65 -33.66 5.19 -8.67
CA SER B 65 -33.79 3.80 -9.06
C SER B 65 -33.65 2.88 -7.86
N LYS B 66 -34.27 1.70 -7.96
CA LYS B 66 -34.09 0.68 -6.92
C LYS B 66 -32.64 0.25 -6.85
N GLU B 67 -31.97 0.19 -8.00
CA GLU B 67 -30.55 -0.16 -8.02
C GLU B 67 -29.74 0.76 -7.12
N TYR B 68 -30.05 2.06 -7.13
CA TYR B 68 -29.34 3.00 -6.27
C TYR B 68 -29.49 2.60 -4.80
N GLN B 69 -30.72 2.33 -4.37
CA GLN B 69 -30.95 1.90 -2.98
C GLN B 69 -30.19 0.61 -2.68
N ASN B 70 -30.15 -0.32 -3.64
CA ASN B 70 -29.42 -1.56 -3.42
C ASN B 70 -27.93 -1.30 -3.22
N VAL B 71 -27.34 -0.42 -4.03
CA VAL B 71 -25.93 -0.08 -3.85
C VAL B 71 -25.71 0.54 -2.47
N HIS B 72 -26.56 1.49 -2.09
CA HIS B 72 -26.48 2.08 -0.75
C HIS B 72 -26.42 0.99 0.32
N GLU B 73 -27.41 0.09 0.30
CA GLU B 73 -27.46 -0.99 1.27
C GLU B 73 -26.18 -1.82 1.24
N GLU B 74 -25.68 -2.15 0.05
CA GLU B 74 -24.49 -3.00 -0.06
C GLU B 74 -23.27 -2.31 0.51
N VAL B 75 -23.17 -0.99 0.32
CA VAL B 75 -22.08 -0.24 0.94
C VAL B 75 -22.17 -0.36 2.45
N LEU B 76 -23.36 -0.18 3.01
CA LEU B 76 -23.51 -0.28 4.45
C LEU B 76 -23.12 -1.67 4.95
N GLN B 77 -23.55 -2.71 4.25
CA GLN B 77 -23.26 -4.08 4.69
C GLN B 77 -21.76 -4.37 4.61
N GLU B 78 -21.11 -3.99 3.51
CA GLU B 78 -19.67 -4.24 3.39
C GLU B 78 -18.89 -3.45 4.43
N TYR B 79 -19.27 -2.20 4.66
CA TYR B 79 -18.62 -1.42 5.71
C TYR B 79 -18.81 -2.06 7.07
N GLN B 80 -20.00 -2.63 7.31
CA GLN B 80 -20.20 -3.36 8.56
C GLN B 80 -19.23 -4.53 8.65
N LYS B 81 -19.05 -5.27 7.56
CA LYS B 81 -18.05 -6.34 7.55
C LYS B 81 -16.69 -5.81 7.95
N ILE B 82 -16.28 -4.66 7.41
CA ILE B 82 -14.96 -4.13 7.71
C ILE B 82 -14.86 -3.71 9.18
N LYS B 83 -15.91 -3.06 9.69
CA LYS B 83 -15.89 -2.55 11.05
C LYS B 83 -15.76 -3.68 12.08
N GLN B 84 -16.31 -4.84 11.76
CA GLN B 84 -16.31 -5.97 12.69
C GLN B 84 -15.11 -6.91 12.49
N SER B 85 -14.29 -6.68 11.48
CA SER B 85 -13.19 -7.59 11.18
CA SER B 85 -13.19 -7.59 11.18
C SER B 85 -12.15 -7.56 12.29
N SER B 86 -11.47 -8.69 12.46
CA SER B 86 -10.40 -8.83 13.43
C SER B 86 -9.19 -9.47 12.77
N PRO B 87 -7.99 -8.88 12.97
CA PRO B 87 -7.70 -7.64 13.68
C PRO B 87 -8.34 -6.42 13.01
N ASN B 88 -8.32 -5.29 13.71
CA ASN B 88 -9.01 -4.10 13.24
C ASN B 88 -8.47 -3.68 11.88
N TYR B 89 -9.39 -3.25 11.01
CA TYR B 89 -8.99 -2.84 9.66
C TYR B 89 -7.97 -1.73 9.68
N HIS B 90 -8.16 -0.73 10.55
CA HIS B 90 -7.27 0.42 10.56
CA HIS B 90 -7.26 0.42 10.56
C HIS B 90 -5.85 0.03 11.00
N GLU B 91 -5.72 -0.93 11.90
CA GLU B 91 -4.39 -1.38 12.30
C GLU B 91 -3.69 -2.08 11.14
N GLU B 92 -4.42 -2.91 10.40
CA GLU B 92 -3.86 -3.53 9.20
C GLU B 92 -3.47 -2.49 8.17
N LYS B 93 -4.32 -1.49 7.97
CA LYS B 93 -4.02 -0.44 6.99
C LYS B 93 -2.76 0.30 7.37
N TYR B 94 -2.65 0.71 8.64
CA TYR B 94 -1.44 1.39 9.11
C TYR B 94 -0.23 0.50 8.91
N ARG B 95 -0.32 -0.78 9.28
CA ARG B 95 0.80 -1.70 9.10
C ARG B 95 1.22 -1.76 7.63
N CYS B 96 0.24 -1.77 6.72
CA CYS B 96 0.52 -1.89 5.30
C CYS B 96 1.19 -0.64 4.76
N GLU B 97 0.70 0.54 5.15
CA GLU B 97 1.34 1.79 4.73
C GLU B 97 2.77 1.87 5.25
N TYR B 98 2.96 1.55 6.53
CA TYR B 98 4.30 1.58 7.10
C TYR B 98 5.24 0.65 6.34
N LEU B 99 4.83 -0.59 6.12
CA LEU B 99 5.69 -1.52 5.39
C LEU B 99 5.94 -1.05 3.96
N HIS B 100 4.92 -0.50 3.31
CA HIS B 100 5.12 -0.03 1.94
C HIS B 100 6.20 1.05 1.88
N ASN B 101 6.09 2.08 2.73
CA ASN B 101 7.06 3.15 2.65
C ASN B 101 8.42 2.74 3.20
N LYS B 102 8.45 1.81 4.17
CA LYS B 102 9.72 1.31 4.67
C LYS B 102 10.47 0.54 3.58
N LEU B 103 9.79 -0.45 2.97
CA LEU B 103 10.43 -1.24 1.94
C LEU B 103 10.75 -0.40 0.72
N ALA B 104 9.89 0.57 0.40
CA ALA B 104 10.20 1.50 -0.67
C ALA B 104 11.47 2.27 -0.37
N HIS B 105 11.66 2.69 0.88
CA HIS B 105 12.86 3.43 1.24
C HIS B 105 14.10 2.55 1.11
N ILE B 106 14.06 1.34 1.67
CA ILE B 106 15.20 0.43 1.57
C ILE B 106 15.56 0.20 0.12
N LYS B 107 14.54 -0.09 -0.71
CA LYS B 107 14.78 -0.28 -2.13
C LYS B 107 15.35 0.97 -2.78
N ARG B 108 14.95 2.14 -2.29
N ARG B 108 14.94 2.15 -2.31
CA ARG B 108 15.49 3.39 -2.83
CA ARG B 108 15.49 3.39 -2.83
C ARG B 108 16.98 3.51 -2.54
C ARG B 108 16.99 3.47 -2.54
N MSE B 109 17.39 3.14 -1.32
CA MSE B 109 18.81 3.16 -0.96
C MSE B 109 19.59 2.22 -1.88
O MSE B 109 20.67 2.56 -2.39
CB MSE B 109 19.01 2.76 0.50
CG MSE B 109 18.32 3.66 1.50
SE MSE B 109 18.96 5.50 1.46
CE MSE B 109 17.61 6.29 0.29
H MSE B 109 16.87 2.89 -0.69
HA MSE B 109 19.14 4.05 -1.07
HB2 MSE B 109 18.65 1.87 0.62
HB3 MSE B 109 19.95 2.76 0.70
HG2 MSE B 109 17.37 3.68 1.31
HG3 MSE B 109 18.46 3.31 2.39
HE1 MSE B 109 17.81 7.23 0.17
HE2 MSE B 109 17.64 5.83 -0.57
HE3 MSE B 109 16.74 6.18 0.70
N ILE B 110 19.03 1.02 -2.10
CA ILE B 110 19.71 0.06 -2.95
C ILE B 110 19.80 0.56 -4.38
N GLY B 111 18.73 1.16 -4.90
CA GLY B 111 18.74 1.65 -6.27
C GLY B 111 19.71 2.80 -6.48
N GLU B 112 19.72 3.75 -5.55
CA GLU B 112 20.67 4.85 -5.65
C GLU B 112 22.11 4.35 -5.56
N PHE B 113 22.35 3.35 -4.71
CA PHE B 113 23.67 2.74 -4.68
C PHE B 113 24.02 2.12 -6.03
N ASP B 114 23.10 1.36 -6.61
CA ASP B 114 23.37 0.73 -7.91
C ASP B 114 23.69 1.78 -8.96
N GLN B 115 22.92 2.86 -8.99
CA GLN B 115 23.21 3.94 -9.92
C GLN B 115 24.63 4.47 -9.73
N GLN B 116 24.98 4.78 -8.48
CA GLN B 116 26.33 5.28 -8.19
C GLN B 116 27.39 4.32 -8.71
N GLN B 117 27.27 3.04 -8.37
CA GLN B 117 28.26 2.05 -8.81
C GLN B 117 28.35 2.02 -10.33
N ALA B 118 27.21 2.07 -11.01
CA ALA B 118 27.23 2.03 -12.47
C ALA B 118 27.88 3.29 -13.06
N GLU B 119 27.89 4.39 -12.32
CA GLU B 119 28.57 5.60 -12.81
C GLU B 119 30.09 5.49 -12.78
N SER B 120 30.67 4.42 -12.21
CA SER B 120 32.12 4.33 -11.99
C SER B 120 32.63 2.92 -12.36
N TRP B 121 32.58 2.60 -13.65
CA TRP B 121 33.27 1.44 -14.19
C TRP B 121 33.07 1.33 -15.69
#